data_4G5H
#
_entry.id   4G5H
#
_cell.length_a   124.030
_cell.length_b   124.030
_cell.length_c   103.161
_cell.angle_alpha   90.000
_cell.angle_beta   90.000
_cell.angle_gamma   120.000
#
_symmetry.space_group_name_H-M   'P 63 2 2'
#
loop_
_entity.id
_entity.type
_entity.pdbx_description
1 polymer 'Capsular polysaccharide synthesis enzyme Cap8E'
2 non-polymer 'NADP NICOTINAMIDE-ADENINE-DINUCLEOTIDE PHOSPHATE'
3 non-polymer '[(2R,3R,4R,6R)-3-acetamido-6-methyl-4-oxidanyl-5-oxidanylidene-oxan-2-yl] [[(2R,3S,4R,5R)-5-[2,4-bis(oxidanylidene)pyrimidin-1-yl]-3,4-bis(oxidanyl)oxolan-2-yl]methoxy-oxidanyl-phosphoryl] hydrogen phosphate'
4 non-polymer 'FORMIC ACID'
5 non-polymer 'SODIUM ION'
6 water water
#
_entity_poly.entity_id   1
_entity_poly.type   'polypeptide(L)'
_entity_poly.pdbx_seq_one_letter_code
;MNHKHHHHHHSSGLVPRGSAMGFDDKILLITGGTGSFGNAVMKRFLDSNIKEIRIFSRDEKKQDDIRKKYNNSKLKFYIG
DVRDSQSVETAMRDVDYVFHAAALKQVPSCEFFPVEAVKTNIIGTENVLQSAIHQNVKKVICLSTDKAAYPINAMGISKA
MMEKVFVAKSRNIRSEQTLICGTRYGNVMASRGSVIPLFIDKIKAGEPLTITDPDMTRFLMSLEDAVELVVHAFKHAETG
DIMVQKAPSSTVGDLATALLELFEADNAIEIIGTRHGEKKAETLLTREEYAQCEDMGDYFRVPADSRDLNYSNYVETGNE
KITQSYEYNSDNTHILTVEEIKEKLLTLEYVRNELNDYKASMR
;
_entity_poly.pdbx_strand_id   A
#
loop_
_chem_comp.id
_chem_comp.type
_chem_comp.name
_chem_comp.formula
FMT non-polymer 'FORMIC ACID' 'C H2 O2'
NA non-polymer 'SODIUM ION' 'Na 1'
NAP non-polymer 'NADP NICOTINAMIDE-ADENINE-DINUCLEOTIDE PHOSPHATE' 'C21 H28 N7 O17 P3'
UD7 non-polymer '[(2R,3R,4R,6R)-3-acetamido-6-methyl-4-oxidanyl-5-oxidanylidene-oxan-2-yl] [[(2R,3S,4R,5R)-5-[2,4-bis(oxidanylidene)pyrimidin-1-yl]-3,4-bis(oxidanyl)oxolan-2-yl]methoxy-oxidanyl-phosphoryl] hydrogen phosphate' 'C17 H25 N3 O16 P2'
#
# COMPACT_ATOMS: atom_id res chain seq x y z
N GLY A 13 2.99 -6.65 17.91
CA GLY A 13 1.85 -5.91 18.46
C GLY A 13 1.71 -4.61 17.68
N LEU A 14 0.72 -3.85 18.08
CA LEU A 14 0.34 -2.55 17.55
C LEU A 14 1.00 -1.37 18.27
N VAL A 15 1.94 -1.63 19.19
CA VAL A 15 2.50 -0.62 20.12
C VAL A 15 4.06 -0.82 20.25
N PRO A 16 4.88 0.26 20.14
CA PRO A 16 6.38 0.11 20.19
C PRO A 16 6.80 -0.61 21.49
N ARG A 17 7.95 -1.29 21.44
CA ARG A 17 8.58 -1.83 22.64
C ARG A 17 8.74 -0.69 23.67
N GLY A 18 8.47 -0.94 24.96
CA GLY A 18 8.57 0.17 25.92
C GLY A 18 7.44 1.22 25.97
N SER A 19 6.40 0.97 25.20
CA SER A 19 5.12 1.72 25.34
C SER A 19 3.97 0.76 25.73
N ALA A 20 2.85 1.36 26.10
CA ALA A 20 1.54 0.69 25.96
C ALA A 20 0.55 1.79 25.63
N MET A 21 -0.51 1.46 24.90
CA MET A 21 -1.61 2.41 24.93
C MET A 21 -2.96 1.84 25.41
N GLY A 22 -3.35 0.66 24.97
CA GLY A 22 -4.75 0.29 25.23
C GLY A 22 -5.66 1.11 24.31
N PHE A 23 -6.43 0.40 23.54
CA PHE A 23 -7.04 0.98 22.45
C PHE A 23 -8.50 0.82 22.85
N ASP A 24 -8.67 0.58 24.14
N ASP A 24 -8.74 0.49 24.11
CA ASP A 24 -9.92 0.17 24.78
CA ASP A 24 -10.08 0.12 24.57
C ASP A 24 -11.00 1.26 24.68
C ASP A 24 -11.07 1.28 24.54
N ASP A 25 -10.56 2.50 24.47
CA ASP A 25 -11.44 3.71 24.29
C ASP A 25 -11.17 4.26 22.87
N LYS A 26 -10.47 3.51 22.00
CA LYS A 26 -10.07 4.06 20.68
C LYS A 26 -10.85 3.55 19.49
N ILE A 27 -10.99 4.41 18.47
CA ILE A 27 -11.77 4.07 17.32
C ILE A 27 -10.91 4.18 16.08
N LEU A 28 -10.85 3.12 15.30
CA LEU A 28 -10.05 3.07 14.05
C LEU A 28 -11.07 3.21 12.89
N LEU A 29 -10.80 4.07 11.90
CA LEU A 29 -11.62 4.12 10.70
C LEU A 29 -10.80 3.56 9.52
N ILE A 30 -11.34 2.67 8.68
CA ILE A 30 -10.58 2.21 7.55
C ILE A 30 -11.37 2.61 6.29
N THR A 31 -10.91 3.59 5.53
CA THR A 31 -11.56 3.91 4.26
C THR A 31 -11.16 2.82 3.28
N GLY A 32 -12.00 2.52 2.30
CA GLY A 32 -11.70 1.36 1.42
C GLY A 32 -11.60 0.08 2.29
N GLY A 33 -12.36 0.06 3.39
CA GLY A 33 -12.24 -0.95 4.44
C GLY A 33 -12.65 -2.39 3.99
N THR A 34 -13.32 -2.47 2.86
CA THR A 34 -13.79 -3.80 2.34
C THR A 34 -12.73 -4.46 1.39
N GLY A 35 -11.73 -3.73 0.93
CA GLY A 35 -10.73 -4.30 -0.02
C GLY A 35 -9.69 -5.17 0.68
N SER A 36 -8.69 -5.65 -0.06
CA SER A 36 -7.79 -6.69 0.53
C SER A 36 -6.97 -6.25 1.75
N PHE A 37 -6.36 -5.08 1.65
N PHE A 37 -6.38 -5.07 1.61
CA PHE A 37 -5.62 -4.56 2.80
CA PHE A 37 -5.63 -4.43 2.66
C PHE A 37 -6.52 -4.14 3.93
C PHE A 37 -6.47 -4.08 3.87
N GLY A 38 -7.67 -3.56 3.59
CA GLY A 38 -8.54 -2.99 4.61
C GLY A 38 -8.89 -4.11 5.49
N ASN A 39 -9.25 -5.25 4.88
N ASN A 39 -9.14 -5.24 4.86
CA ASN A 39 -9.59 -6.49 5.59
CA ASN A 39 -9.61 -6.43 5.48
C ASN A 39 -8.46 -7.10 6.41
C ASN A 39 -8.53 -7.21 6.29
N ALA A 40 -7.31 -7.27 5.77
CA ALA A 40 -6.14 -7.77 6.54
C ALA A 40 -5.87 -6.77 7.65
N VAL A 41 -5.98 -5.47 7.38
CA VAL A 41 -5.67 -4.50 8.50
C VAL A 41 -6.73 -4.57 9.56
N MET A 42 -7.99 -4.61 9.13
CA MET A 42 -9.11 -4.88 10.02
C MET A 42 -8.82 -6.13 10.85
N LYS A 43 -8.49 -7.25 10.21
CA LYS A 43 -8.35 -8.50 10.98
C LYS A 43 -7.13 -8.47 11.91
N ARG A 44 -6.17 -7.59 11.60
CA ARG A 44 -5.09 -7.44 12.57
C ARG A 44 -5.63 -6.76 13.84
N PHE A 45 -6.33 -5.62 13.71
CA PHE A 45 -6.75 -4.89 14.91
C PHE A 45 -7.89 -5.60 15.66
N LEU A 46 -8.54 -6.57 15.02
CA LEU A 46 -9.57 -7.35 15.73
C LEU A 46 -8.80 -8.10 16.82
N ASP A 47 -7.52 -8.38 16.53
CA ASP A 47 -6.60 -9.03 17.48
C ASP A 47 -6.09 -8.03 18.51
N SER A 48 -6.97 -7.13 18.98
CA SER A 48 -6.53 -6.03 19.84
C SER A 48 -7.60 -5.56 20.76
N ASN A 49 -7.23 -4.55 21.53
CA ASN A 49 -8.00 -3.99 22.60
C ASN A 49 -9.01 -2.94 22.08
N ILE A 50 -8.83 -2.57 20.80
CA ILE A 50 -9.57 -1.47 20.08
C ILE A 50 -11.05 -1.47 20.40
N LYS A 51 -11.63 -0.30 20.71
CA LYS A 51 -13.07 -0.24 20.97
C LYS A 51 -13.96 -0.49 19.74
N GLU A 52 -13.54 0.01 18.59
CA GLU A 52 -14.44 0.00 17.46
C GLU A 52 -13.55 0.11 16.21
N ILE A 53 -13.91 -0.66 15.21
CA ILE A 53 -13.30 -0.56 13.87
C ILE A 53 -14.43 -0.18 12.89
N ARG A 54 -14.37 1.02 12.31
CA ARG A 54 -15.39 1.37 11.37
C ARG A 54 -14.88 1.07 9.91
N ILE A 55 -15.68 0.34 9.19
CA ILE A 55 -15.39 0.01 7.86
C ILE A 55 -16.22 0.96 6.91
N PHE A 56 -15.52 1.78 6.12
CA PHE A 56 -16.13 2.88 5.36
C PHE A 56 -15.94 2.60 3.89
N SER A 57 -17.06 2.36 3.20
CA SER A 57 -16.85 2.26 1.80
C SER A 57 -18.16 2.45 1.21
N ARG A 58 -18.11 2.30 -0.11
CA ARG A 58 -19.23 2.60 -0.85
C ARG A 58 -20.12 1.36 -0.98
N ASP A 59 -19.57 0.16 -0.83
CA ASP A 59 -20.26 -1.08 -1.27
C ASP A 59 -20.98 -1.88 -0.24
N GLU A 60 -22.32 -1.87 -0.28
CA GLU A 60 -23.14 -2.48 0.81
C GLU A 60 -23.03 -4.02 0.78
N LYS A 61 -22.72 -4.59 -0.39
CA LYS A 61 -22.66 -6.03 -0.49
C LYS A 61 -21.44 -6.56 0.27
N LYS A 62 -20.26 -6.05 -0.11
CA LYS A 62 -19.00 -6.42 0.50
C LYS A 62 -19.08 -6.17 1.99
N GLN A 63 -19.71 -5.06 2.39
CA GLN A 63 -19.91 -4.83 3.83
C GLN A 63 -20.77 -5.86 4.56
N ASP A 64 -21.89 -6.23 3.96
CA ASP A 64 -22.72 -7.29 4.54
C ASP A 64 -22.01 -8.70 4.68
N ASP A 65 -21.28 -9.11 3.64
CA ASP A 65 -20.39 -10.28 3.67
C ASP A 65 -19.43 -10.26 4.84
N ILE A 66 -18.68 -9.16 5.00
CA ILE A 66 -17.77 -9.07 6.12
C ILE A 66 -18.48 -9.12 7.49
N ARG A 67 -19.52 -8.30 7.67
CA ARG A 67 -20.30 -8.30 8.88
C ARG A 67 -20.67 -9.75 9.30
N LYS A 68 -21.30 -10.46 8.35
CA LYS A 68 -21.83 -11.83 8.58
CA LYS A 68 -21.82 -11.81 8.64
C LYS A 68 -20.72 -12.86 8.84
N LYS A 69 -19.60 -12.75 8.13
CA LYS A 69 -18.53 -13.64 8.45
C LYS A 69 -17.96 -13.39 9.85
N TYR A 70 -17.73 -12.15 10.24
CA TYR A 70 -17.06 -11.92 11.54
C TYR A 70 -17.95 -11.90 12.76
N ASN A 71 -19.21 -11.46 12.60
CA ASN A 71 -20.13 -11.30 13.75
C ASN A 71 -19.46 -10.74 14.98
N ASN A 72 -18.88 -9.56 14.87
CA ASN A 72 -18.06 -9.06 15.95
C ASN A 72 -18.59 -7.69 16.25
N SER A 73 -19.00 -7.46 17.48
CA SER A 73 -19.69 -6.21 17.71
C SER A 73 -18.73 -4.94 17.72
N LYS A 74 -17.41 -5.16 17.67
CA LYS A 74 -16.42 -4.09 17.44
C LYS A 74 -16.54 -3.44 16.03
N LEU A 75 -17.02 -4.21 15.04
CA LEU A 75 -17.05 -3.80 13.62
C LEU A 75 -18.29 -3.00 13.37
N LYS A 76 -18.18 -1.82 12.76
CA LYS A 76 -19.32 -1.00 12.42
C LYS A 76 -19.16 -0.69 10.94
N PHE A 77 -20.26 -0.66 10.20
CA PHE A 77 -20.12 -0.57 8.74
C PHE A 77 -20.76 0.76 8.33
N TYR A 78 -20.01 1.68 7.73
CA TYR A 78 -20.50 2.98 7.34
C TYR A 78 -20.54 3.00 5.82
N ILE A 79 -21.69 3.38 5.28
CA ILE A 79 -21.71 3.61 3.82
C ILE A 79 -21.25 5.06 3.54
N GLY A 80 -20.28 5.20 2.64
CA GLY A 80 -20.00 6.64 2.31
C GLY A 80 -18.91 6.65 1.19
N ASP A 81 -18.41 7.81 0.83
CA ASP A 81 -17.56 7.92 -0.39
C ASP A 81 -16.55 8.97 0.00
N VAL A 82 -15.23 8.73 -0.14
CA VAL A 82 -14.18 9.73 0.14
C VAL A 82 -14.36 10.95 -0.74
N ARG A 83 -15.06 10.83 -1.88
CA ARG A 83 -15.33 12.01 -2.66
C ARG A 83 -16.26 13.03 -2.05
N ASP A 84 -16.99 12.66 -1.03
CA ASP A 84 -18.07 13.49 -0.46
C ASP A 84 -17.76 13.88 0.97
N SER A 85 -17.36 15.11 1.23
CA SER A 85 -16.86 15.55 2.62
C SER A 85 -17.91 15.31 3.71
N GLN A 86 -19.19 15.46 3.40
CA GLN A 86 -20.24 15.17 4.44
C GLN A 86 -20.32 13.71 4.83
N SER A 87 -20.22 12.87 3.82
CA SER A 87 -20.24 11.45 4.10
C SER A 87 -18.97 11.00 4.90
N VAL A 88 -17.81 11.60 4.59
CA VAL A 88 -16.61 11.34 5.41
C VAL A 88 -16.80 11.88 6.87
N GLU A 89 -17.35 13.04 7.00
CA GLU A 89 -17.51 13.64 8.30
C GLU A 89 -18.38 12.78 9.24
N THR A 90 -19.49 12.22 8.75
CA THR A 90 -20.26 11.26 9.50
C THR A 90 -19.46 10.08 10.08
N ALA A 91 -18.57 9.50 9.29
CA ALA A 91 -17.82 8.35 9.72
C ALA A 91 -16.62 8.75 10.55
N MET A 92 -16.22 10.03 10.48
CA MET A 92 -14.92 10.45 11.09
C MET A 92 -15.21 10.95 12.56
N ARG A 93 -16.47 11.27 12.89
CA ARG A 93 -16.77 11.82 14.21
C ARG A 93 -16.29 10.86 15.32
N ASP A 94 -15.53 11.37 16.24
CA ASP A 94 -14.96 10.60 17.40
C ASP A 94 -13.87 9.60 17.04
N VAL A 95 -13.38 9.65 15.80
CA VAL A 95 -12.32 8.69 15.39
C VAL A 95 -10.95 9.08 15.93
N ASP A 96 -10.14 8.11 16.34
CA ASP A 96 -8.76 8.40 16.76
C ASP A 96 -7.77 8.16 15.64
N TYR A 97 -7.98 7.10 14.88
CA TYR A 97 -6.99 6.71 13.88
C TYR A 97 -7.68 6.39 12.59
N VAL A 98 -7.03 6.76 11.50
CA VAL A 98 -7.56 6.51 10.18
C VAL A 98 -6.48 5.75 9.33
N PHE A 99 -6.86 4.62 8.71
CA PHE A 99 -6.00 3.99 7.71
CA PHE A 99 -6.00 3.96 7.72
C PHE A 99 -6.65 4.29 6.40
N HIS A 100 -6.10 5.14 5.59
CA HIS A 100 -6.78 5.52 4.37
C HIS A 100 -6.40 4.70 3.22
N ALA A 101 -7.27 3.78 2.87
CA ALA A 101 -6.99 2.79 1.87
C ALA A 101 -7.94 2.90 0.68
N ALA A 102 -8.90 3.85 0.67
CA ALA A 102 -9.81 3.98 -0.43
C ALA A 102 -9.06 4.49 -1.66
N ALA A 103 -9.27 3.90 -2.82
CA ALA A 103 -8.49 4.27 -4.05
C ALA A 103 -9.02 3.60 -5.21
N LEU A 104 -8.85 4.20 -6.39
CA LEU A 104 -8.95 3.44 -7.70
C LEU A 104 -7.51 3.04 -7.98
N LYS A 105 -7.27 1.74 -7.99
CA LYS A 105 -5.93 1.23 -8.01
C LYS A 105 -5.58 0.38 -9.21
N GLN A 106 -6.48 0.19 -10.16
CA GLN A 106 -6.17 -0.65 -11.31
CA GLN A 106 -6.14 -0.64 -11.29
C GLN A 106 -5.61 0.26 -12.39
N VAL A 107 -4.48 -0.11 -12.93
CA VAL A 107 -3.89 0.60 -14.06
C VAL A 107 -4.84 1.00 -15.22
N PRO A 108 -5.53 0.05 -15.91
CA PRO A 108 -6.27 0.46 -17.10
C PRO A 108 -7.45 1.32 -16.80
N SER A 109 -8.07 1.03 -15.67
CA SER A 109 -9.25 1.82 -15.41
C SER A 109 -8.85 3.27 -15.07
N CYS A 110 -7.68 3.49 -14.42
CA CYS A 110 -7.21 4.91 -14.18
C CYS A 110 -6.76 5.54 -15.45
N GLU A 111 -6.12 4.76 -16.33
CA GLU A 111 -5.65 5.31 -17.59
C GLU A 111 -6.76 5.78 -18.54
N PHE A 112 -7.87 5.05 -18.54
CA PHE A 112 -9.01 5.49 -19.37
C PHE A 112 -9.90 6.46 -18.71
N PHE A 113 -9.95 6.42 -17.40
CA PHE A 113 -10.82 7.40 -16.64
C PHE A 113 -10.00 8.16 -15.61
N PRO A 114 -9.04 8.95 -16.08
CA PRO A 114 -8.12 9.56 -15.09
C PRO A 114 -8.81 10.60 -14.27
N VAL A 115 -9.90 11.21 -14.72
CA VAL A 115 -10.56 12.18 -13.87
C VAL A 115 -11.18 11.45 -12.70
N GLU A 116 -11.65 10.20 -12.87
CA GLU A 116 -12.11 9.43 -11.73
C GLU A 116 -10.95 9.13 -10.83
N ALA A 117 -9.76 8.82 -11.36
CA ALA A 117 -8.61 8.60 -10.45
C ALA A 117 -8.30 9.93 -9.68
N VAL A 118 -8.47 11.08 -10.32
CA VAL A 118 -8.13 12.33 -9.57
C VAL A 118 -9.22 12.56 -8.46
N LYS A 119 -10.49 12.33 -8.77
CA LYS A 119 -11.58 12.53 -7.79
CA LYS A 119 -11.56 12.58 -7.77
C LYS A 119 -11.43 11.63 -6.57
N THR A 120 -11.10 10.36 -6.80
CA THR A 120 -10.99 9.41 -5.64
C THR A 120 -9.65 9.51 -4.93
N ASN A 121 -8.58 9.48 -5.73
CA ASN A 121 -7.24 9.22 -5.10
C ASN A 121 -6.65 10.58 -4.58
N ILE A 122 -6.97 11.66 -5.24
CA ILE A 122 -6.32 12.94 -4.88
C ILE A 122 -7.29 13.79 -4.10
N ILE A 123 -8.43 14.14 -4.66
CA ILE A 123 -9.44 14.97 -3.96
C ILE A 123 -10.05 14.21 -2.80
N GLY A 124 -10.26 12.89 -2.99
CA GLY A 124 -10.83 12.04 -1.92
C GLY A 124 -9.84 12.02 -0.71
N THR A 125 -8.53 12.01 -1.00
CA THR A 125 -7.58 12.04 0.13
C THR A 125 -7.64 13.41 0.80
N GLU A 126 -7.65 14.52 0.05
CA GLU A 126 -7.79 15.81 0.71
C GLU A 126 -9.07 15.89 1.58
N ASN A 127 -10.18 15.34 1.12
CA ASN A 127 -11.40 15.37 1.97
C ASN A 127 -11.21 14.57 3.24
N VAL A 128 -10.53 13.44 3.16
CA VAL A 128 -10.31 12.60 4.37
C VAL A 128 -9.41 13.41 5.31
N LEU A 129 -8.37 14.02 4.78
CA LEU A 129 -7.48 14.77 5.68
C LEU A 129 -8.23 15.93 6.28
N GLN A 130 -8.94 16.69 5.47
CA GLN A 130 -9.63 17.83 6.07
C GLN A 130 -10.62 17.39 7.17
N SER A 131 -11.37 16.34 6.92
CA SER A 131 -12.33 15.89 7.94
C SER A 131 -11.60 15.37 9.17
N ALA A 132 -10.52 14.62 8.96
CA ALA A 132 -9.78 14.06 10.12
C ALA A 132 -9.27 15.22 11.04
N ILE A 133 -8.74 16.24 10.38
CA ILE A 133 -8.25 17.42 11.11
C ILE A 133 -9.40 18.10 11.84
N HIS A 134 -10.51 18.38 11.14
CA HIS A 134 -11.69 18.99 11.85
C HIS A 134 -12.15 18.18 13.02
N GLN A 135 -12.07 16.87 12.95
CA GLN A 135 -12.58 15.98 14.01
C GLN A 135 -11.55 15.62 15.04
N ASN A 136 -10.38 16.22 14.95
CA ASN A 136 -9.28 15.93 15.90
C ASN A 136 -8.79 14.49 15.96
N VAL A 137 -8.75 13.82 14.79
CA VAL A 137 -8.18 12.53 14.65
C VAL A 137 -6.71 12.62 15.03
N LYS A 138 -6.19 11.58 15.66
CA LYS A 138 -4.77 11.64 16.02
C LYS A 138 -3.82 11.33 14.94
N LYS A 139 -4.17 10.35 14.07
CA LYS A 139 -3.24 9.88 13.05
C LYS A 139 -4.02 9.45 11.85
N VAL A 140 -3.48 9.80 10.66
CA VAL A 140 -4.01 9.33 9.41
C VAL A 140 -2.80 8.71 8.64
N ILE A 141 -2.93 7.45 8.25
CA ILE A 141 -1.92 6.80 7.40
C ILE A 141 -2.52 6.55 6.04
N CYS A 142 -1.88 7.11 5.01
CA CYS A 142 -2.37 7.03 3.62
C CYS A 142 -1.57 5.95 2.92
N LEU A 143 -2.26 5.07 2.22
CA LEU A 143 -1.57 3.97 1.54
CA LEU A 143 -1.64 3.94 1.49
C LEU A 143 -1.19 4.42 0.11
N SER A 144 0.05 4.17 -0.26
CA SER A 144 0.50 4.47 -1.59
C SER A 144 1.26 3.25 -2.17
N THR A 145 1.96 3.47 -3.26
CA THR A 145 2.41 2.36 -4.08
C THR A 145 3.76 2.75 -4.73
N ASP A 146 4.70 1.78 -4.93
CA ASP A 146 5.87 2.04 -5.70
C ASP A 146 5.61 2.55 -7.08
N LYS A 147 4.40 2.27 -7.59
CA LYS A 147 4.06 2.94 -8.93
C LYS A 147 3.98 4.49 -8.89
N ALA A 148 3.99 5.06 -7.68
CA ALA A 148 3.96 6.58 -7.53
C ALA A 148 5.37 7.15 -7.63
N ALA A 149 6.45 6.31 -7.67
CA ALA A 149 7.84 6.91 -7.74
C ALA A 149 8.24 6.91 -9.20
N TYR A 150 8.62 8.06 -9.79
CA TYR A 150 8.87 8.15 -11.28
C TYR A 150 7.72 7.56 -12.11
N PRO A 151 6.50 8.02 -11.86
CA PRO A 151 5.37 7.21 -12.29
C PRO A 151 5.16 7.31 -13.80
N ILE A 152 4.56 6.33 -14.41
CA ILE A 152 4.30 6.44 -15.86
C ILE A 152 2.84 6.24 -16.23
N ASN A 153 2.02 5.74 -15.32
CA ASN A 153 0.63 5.52 -15.70
C ASN A 153 -0.22 6.39 -14.79
N ALA A 154 -1.47 6.64 -15.20
CA ALA A 154 -2.37 7.55 -14.50
C ALA A 154 -2.59 7.07 -13.07
N MET A 155 -2.64 5.77 -12.84
CA MET A 155 -2.88 5.30 -11.45
C MET A 155 -1.65 5.80 -10.58
N GLY A 156 -0.43 5.51 -10.99
CA GLY A 156 0.79 5.90 -10.18
C GLY A 156 0.88 7.41 -10.09
N ILE A 157 0.56 8.10 -11.18
CA ILE A 157 0.66 9.58 -11.14
C ILE A 157 -0.33 10.09 -10.07
N SER A 158 -1.60 9.61 -10.08
CA SER A 158 -2.58 10.09 -9.08
C SER A 158 -2.11 9.80 -7.65
N LYS A 159 -1.45 8.67 -7.45
CA LYS A 159 -0.92 8.27 -6.11
C LYS A 159 0.29 9.14 -5.75
N ALA A 160 1.09 9.50 -6.74
CA ALA A 160 2.22 10.43 -6.45
C ALA A 160 1.68 11.77 -6.04
N MET A 161 0.62 12.21 -6.71
N MET A 161 0.61 12.22 -6.71
CA MET A 161 0.05 13.52 -6.37
CA MET A 161 0.06 13.52 -6.34
C MET A 161 -0.63 13.42 -4.97
C MET A 161 -0.62 13.42 -4.96
N MET A 162 -1.29 12.29 -4.66
CA MET A 162 -1.87 12.09 -3.31
C MET A 162 -0.79 12.25 -2.23
N GLU A 163 0.37 11.66 -2.47
CA GLU A 163 1.51 11.85 -1.55
C GLU A 163 1.97 13.27 -1.37
N LYS A 164 2.07 14.05 -2.47
CA LYS A 164 2.37 15.45 -2.33
C LYS A 164 1.31 16.14 -1.51
N VAL A 165 0.03 15.84 -1.70
CA VAL A 165 -1.04 16.51 -0.97
C VAL A 165 -0.92 16.16 0.53
N PHE A 166 -0.69 14.90 0.87
CA PHE A 166 -0.66 14.65 2.36
C PHE A 166 0.60 15.17 3.00
N VAL A 167 1.71 15.12 2.25
CA VAL A 167 2.93 15.78 2.75
C VAL A 167 2.72 17.31 2.94
N ALA A 168 2.10 18.01 1.97
CA ALA A 168 1.86 19.43 2.07
C ALA A 168 0.96 19.71 3.28
N LYS A 169 -0.12 18.90 3.47
CA LYS A 169 -0.99 19.15 4.66
C LYS A 169 -0.20 19.01 5.97
N SER A 170 0.72 18.03 6.02
CA SER A 170 1.50 17.79 7.26
C SER A 170 2.35 19.01 7.56
N ARG A 171 2.79 19.78 6.55
CA ARG A 171 3.62 20.99 6.89
C ARG A 171 2.80 22.05 7.61
N ASN A 172 1.52 22.13 7.32
CA ASN A 172 0.71 23.23 7.84
C ASN A 172 -0.16 22.80 9.02
N ILE A 173 -0.10 21.52 9.43
CA ILE A 173 -0.89 21.07 10.54
C ILE A 173 0.06 20.56 11.61
N ARG A 174 -0.15 20.98 12.89
CA ARG A 174 0.76 20.51 13.94
C ARG A 174 0.51 19.03 14.16
N SER A 175 1.62 18.35 14.43
CA SER A 175 1.63 16.91 14.66
C SER A 175 0.63 16.53 15.82
N GLU A 176 0.58 17.39 16.86
CA GLU A 176 -0.20 17.14 18.05
C GLU A 176 -1.63 17.33 17.79
N GLN A 177 -1.97 17.98 16.72
CA GLN A 177 -3.35 18.11 16.31
C GLN A 177 -3.74 16.82 15.53
N THR A 178 -3.11 16.62 14.34
CA THR A 178 -3.35 15.39 13.60
C THR A 178 -2.01 15.05 12.89
N LEU A 179 -1.54 13.82 13.05
CA LEU A 179 -0.30 13.40 12.41
C LEU A 179 -0.67 12.73 11.12
N ILE A 180 0.03 13.06 10.04
CA ILE A 180 -0.46 12.61 8.73
C ILE A 180 0.77 11.94 8.04
N CYS A 181 0.69 10.67 7.60
CA CYS A 181 1.90 10.04 6.99
C CYS A 181 1.42 9.03 5.97
N GLY A 182 2.29 8.33 5.27
CA GLY A 182 1.84 7.36 4.33
C GLY A 182 2.85 6.24 4.16
N THR A 183 2.47 5.22 3.40
CA THR A 183 3.28 3.96 3.24
C THR A 183 3.33 3.72 1.77
N ARG A 184 4.43 3.20 1.24
CA ARG A 184 4.43 2.86 -0.13
C ARG A 184 4.90 1.43 -0.19
N TYR A 185 4.12 0.58 -0.81
N TYR A 185 4.09 0.58 -0.80
CA TYR A 185 4.66 -0.75 -0.95
CA TYR A 185 4.31 -0.88 -0.84
C TYR A 185 4.62 -1.37 -2.33
C TYR A 185 4.55 -1.40 -2.28
N GLY A 186 5.30 -2.52 -2.41
CA GLY A 186 5.63 -3.11 -3.72
C GLY A 186 4.53 -4.04 -4.19
N ASN A 187 4.89 -5.21 -4.78
CA ASN A 187 3.88 -6.05 -5.37
C ASN A 187 3.49 -7.09 -4.38
N VAL A 188 2.21 -7.06 -4.04
CA VAL A 188 1.73 -8.07 -3.09
C VAL A 188 1.52 -9.46 -3.73
N MET A 189 2.29 -10.43 -3.26
CA MET A 189 2.24 -11.77 -3.84
C MET A 189 0.82 -12.31 -3.77
N ALA A 190 0.31 -12.80 -4.91
CA ALA A 190 -1.02 -13.44 -4.94
C ALA A 190 -2.22 -12.54 -4.61
N SER A 191 -2.10 -11.26 -4.97
CA SER A 191 -3.22 -10.35 -5.21
C SER A 191 -4.17 -10.95 -6.28
N ARG A 192 -5.46 -10.66 -6.12
CA ARG A 192 -6.52 -11.06 -7.08
C ARG A 192 -6.02 -10.53 -8.41
N GLY A 193 -5.98 -11.41 -9.43
CA GLY A 193 -5.66 -10.94 -10.75
C GLY A 193 -4.19 -10.78 -11.00
N SER A 194 -3.32 -10.98 -9.99
CA SER A 194 -1.94 -10.72 -10.17
C SER A 194 -1.21 -11.96 -10.70
N VAL A 195 0.08 -11.84 -11.01
CA VAL A 195 0.74 -12.78 -11.87
C VAL A 195 0.87 -14.21 -11.31
N ILE A 196 1.00 -14.33 -9.99
CA ILE A 196 1.11 -15.67 -9.35
C ILE A 196 -0.19 -16.54 -9.54
N PRO A 197 -1.39 -16.01 -9.18
CA PRO A 197 -2.62 -16.75 -9.49
C PRO A 197 -2.81 -16.97 -10.96
N LEU A 198 -2.37 -16.02 -11.78
CA LEU A 198 -2.50 -16.18 -13.22
C LEU A 198 -1.73 -17.39 -13.73
N PHE A 199 -0.48 -17.48 -13.31
CA PHE A 199 0.43 -18.55 -13.73
C PHE A 199 0.00 -19.91 -13.20
N ILE A 200 -0.45 -19.96 -11.96
CA ILE A 200 -0.99 -21.17 -11.39
C ILE A 200 -2.18 -21.68 -12.22
N ASP A 201 -3.04 -20.75 -12.64
CA ASP A 201 -4.22 -21.15 -13.40
C ASP A 201 -3.84 -21.69 -14.77
N LYS A 202 -2.71 -21.19 -15.30
CA LYS A 202 -2.15 -21.68 -16.55
C LYS A 202 -1.53 -23.05 -16.35
N ILE A 203 -0.72 -23.20 -15.29
CA ILE A 203 -0.21 -24.53 -14.87
C ILE A 203 -1.38 -25.54 -14.85
N LYS A 204 -2.32 -25.38 -13.95
CA LYS A 204 -3.52 -26.21 -13.91
C LYS A 204 -4.35 -26.32 -15.21
N ALA A 205 -4.39 -25.29 -16.05
CA ALA A 205 -5.14 -25.40 -17.31
C ALA A 205 -4.35 -26.08 -18.46
N GLY A 206 -3.06 -26.33 -18.26
CA GLY A 206 -2.20 -26.85 -19.32
C GLY A 206 -1.79 -25.83 -20.38
N GLU A 207 -2.09 -24.57 -20.13
CA GLU A 207 -1.76 -23.41 -20.97
C GLU A 207 -0.30 -22.94 -20.80
N PRO A 208 0.27 -22.35 -21.87
CA PRO A 208 1.59 -21.74 -21.75
C PRO A 208 1.55 -20.55 -20.80
N LEU A 209 2.65 -20.31 -20.10
CA LEU A 209 2.82 -19.13 -19.23
C LEU A 209 3.10 -17.90 -20.11
N THR A 210 2.27 -16.87 -19.98
CA THR A 210 2.46 -15.67 -20.79
C THR A 210 3.36 -14.73 -19.97
N ILE A 211 4.58 -14.57 -20.46
CA ILE A 211 5.58 -13.75 -19.83
C ILE A 211 5.72 -12.52 -20.66
N THR A 212 5.72 -11.41 -19.96
CA THR A 212 5.67 -10.12 -20.57
C THR A 212 7.12 -9.80 -21.03
N ASP A 213 8.05 -9.70 -20.07
CA ASP A 213 9.48 -9.43 -20.29
C ASP A 213 10.15 -10.17 -19.16
N PRO A 214 10.83 -11.30 -19.49
CA PRO A 214 11.34 -12.15 -18.40
C PRO A 214 12.33 -11.42 -17.49
N ASP A 215 12.97 -10.36 -17.99
CA ASP A 215 13.98 -9.68 -17.17
C ASP A 215 13.39 -8.49 -16.37
N MET A 216 12.10 -8.27 -16.55
CA MET A 216 11.34 -7.30 -15.67
C MET A 216 11.40 -7.67 -14.22
N THR A 217 11.69 -6.71 -13.32
CA THR A 217 11.70 -7.01 -11.89
C THR A 217 10.56 -6.29 -11.14
N ARG A 218 10.06 -6.92 -10.06
CA ARG A 218 9.11 -6.32 -9.11
C ARG A 218 9.48 -6.67 -7.69
N PHE A 219 9.24 -5.71 -6.77
CA PHE A 219 9.53 -5.97 -5.36
C PHE A 219 8.57 -7.06 -4.93
N LEU A 220 9.05 -7.97 -4.09
CA LEU A 220 8.15 -8.99 -3.72
C LEU A 220 7.87 -8.87 -2.23
N MET A 221 6.59 -8.83 -1.86
CA MET A 221 6.17 -8.86 -0.48
C MET A 221 4.82 -9.54 -0.29
N SER A 222 4.54 -10.07 0.91
CA SER A 222 3.25 -10.71 1.20
C SER A 222 2.27 -9.67 1.70
N LEU A 223 0.99 -10.05 1.73
CA LEU A 223 -0.03 -9.17 2.34
C LEU A 223 0.31 -8.94 3.81
N GLU A 224 0.78 -9.98 4.50
CA GLU A 224 1.13 -9.81 5.90
C GLU A 224 2.25 -8.75 6.08
N ASP A 225 3.26 -8.74 5.19
CA ASP A 225 4.35 -7.74 5.20
C ASP A 225 3.78 -6.34 4.97
N ALA A 226 2.77 -6.26 4.09
CA ALA A 226 2.06 -5.00 3.84
C ALA A 226 1.32 -4.51 5.05
N VAL A 227 0.63 -5.39 5.79
CA VAL A 227 0.01 -4.94 7.05
C VAL A 227 1.06 -4.48 8.08
N GLU A 228 2.16 -5.24 8.21
CA GLU A 228 3.23 -4.76 9.11
C GLU A 228 3.78 -3.39 8.79
N LEU A 229 3.95 -3.09 7.51
CA LEU A 229 4.38 -1.75 7.14
C LEU A 229 3.40 -0.65 7.64
N VAL A 230 2.08 -0.89 7.44
CA VAL A 230 1.10 0.06 8.00
C VAL A 230 1.16 0.20 9.53
N VAL A 231 1.33 -0.95 10.20
CA VAL A 231 1.46 -0.91 11.66
C VAL A 231 2.75 -0.17 12.08
N HIS A 232 3.84 -0.46 11.34
CA HIS A 232 5.09 0.23 11.59
C HIS A 232 4.87 1.75 11.48
N ALA A 233 4.21 2.21 10.40
CA ALA A 233 3.92 3.67 10.28
C ALA A 233 3.03 4.13 11.46
N PHE A 234 1.95 3.37 11.75
CA PHE A 234 1.05 3.71 12.85
C PHE A 234 1.90 3.97 14.14
N LYS A 235 2.84 3.09 14.43
CA LYS A 235 3.61 3.24 15.67
C LYS A 235 4.66 4.32 15.57
N HIS A 236 5.36 4.41 14.45
CA HIS A 236 6.62 5.20 14.48
C HIS A 236 6.73 6.37 13.56
N ALA A 237 5.79 6.53 12.60
CA ALA A 237 5.96 7.63 11.62
C ALA A 237 5.87 8.97 12.32
N GLU A 238 6.53 9.98 11.78
CA GLU A 238 6.30 11.35 12.23
C GLU A 238 5.44 12.00 11.14
N THR A 239 4.81 13.11 11.45
CA THR A 239 3.90 13.70 10.44
C THR A 239 4.70 14.12 9.19
N GLY A 240 4.13 13.82 8.03
CA GLY A 240 4.79 14.11 6.74
C GLY A 240 5.63 12.93 6.23
N ASP A 241 5.94 11.90 7.07
CA ASP A 241 6.84 10.80 6.62
C ASP A 241 6.16 9.96 5.58
N ILE A 242 6.97 9.46 4.64
CA ILE A 242 6.62 8.30 3.82
C ILE A 242 7.49 7.13 4.34
N MET A 243 6.87 6.03 4.73
CA MET A 243 7.53 4.83 5.19
C MET A 243 7.50 3.77 4.10
N VAL A 244 8.66 3.20 3.83
CA VAL A 244 8.75 2.09 2.83
C VAL A 244 9.39 0.86 3.50
N GLN A 245 8.84 -0.34 3.25
CA GLN A 245 9.48 -1.58 3.74
C GLN A 245 10.58 -2.00 2.75
N LYS A 246 11.82 -2.24 3.22
CA LYS A 246 12.81 -2.78 2.30
C LYS A 246 12.25 -4.16 1.83
N ALA A 247 12.52 -4.50 0.57
CA ALA A 247 11.99 -5.74 0.03
C ALA A 247 12.94 -6.27 -1.04
N PRO A 248 13.02 -7.59 -1.18
CA PRO A 248 13.83 -8.20 -2.29
C PRO A 248 12.94 -8.12 -3.54
N SER A 249 13.43 -8.61 -4.68
CA SER A 249 12.59 -8.55 -5.89
C SER A 249 12.75 -9.89 -6.62
N SER A 250 11.90 -10.14 -7.61
CA SER A 250 12.05 -11.30 -8.54
C SER A 250 11.99 -10.79 -9.97
N THR A 251 12.69 -11.47 -10.89
CA THR A 251 12.40 -11.27 -12.30
C THR A 251 11.19 -12.09 -12.60
N VAL A 252 10.42 -11.66 -13.57
CA VAL A 252 9.31 -12.50 -13.96
C VAL A 252 9.79 -13.88 -14.51
N GLY A 253 10.92 -13.89 -15.23
CA GLY A 253 11.49 -15.14 -15.86
C GLY A 253 11.74 -16.15 -14.73
N ASP A 254 12.38 -15.71 -13.64
CA ASP A 254 12.55 -16.53 -12.44
C ASP A 254 11.35 -16.91 -11.62
N LEU A 255 10.38 -16.02 -11.47
CA LEU A 255 9.17 -16.36 -10.80
C LEU A 255 8.43 -17.50 -11.54
N ALA A 256 8.32 -17.38 -12.85
CA ALA A 256 7.68 -18.42 -13.66
C ALA A 256 8.40 -19.83 -13.44
N THR A 257 9.72 -19.84 -13.49
CA THR A 257 10.51 -21.09 -13.23
C THR A 257 10.25 -21.64 -11.85
N ALA A 258 10.24 -20.76 -10.84
CA ALA A 258 9.95 -21.15 -9.47
C ALA A 258 8.61 -21.87 -9.40
N LEU A 259 7.61 -21.37 -10.13
CA LEU A 259 6.28 -21.95 -10.02
C LEU A 259 6.21 -23.30 -10.76
N LEU A 260 6.91 -23.36 -11.87
CA LEU A 260 6.95 -24.54 -12.74
C LEU A 260 7.60 -25.73 -11.99
N GLU A 261 8.80 -25.52 -11.44
CA GLU A 261 9.47 -26.47 -10.57
C GLU A 261 8.64 -26.87 -9.34
N LEU A 262 7.92 -25.92 -8.73
CA LEU A 262 7.15 -26.29 -7.57
C LEU A 262 6.00 -27.20 -8.01
N PHE A 263 5.40 -26.87 -9.14
CA PHE A 263 4.20 -27.59 -9.57
C PHE A 263 4.55 -28.84 -10.37
N GLU A 264 5.86 -29.12 -10.43
CA GLU A 264 6.42 -30.22 -11.22
C GLU A 264 5.67 -30.31 -12.55
N ALA A 265 5.79 -29.25 -13.35
CA ALA A 265 4.99 -29.02 -14.57
C ALA A 265 5.91 -28.52 -15.71
N ASP A 266 5.61 -28.87 -16.95
CA ASP A 266 6.44 -28.43 -18.07
C ASP A 266 5.56 -27.74 -19.12
N ASN A 267 4.65 -26.84 -18.67
CA ASN A 267 3.99 -25.87 -19.58
C ASN A 267 5.10 -25.04 -20.23
N ALA A 268 4.92 -24.74 -21.50
CA ALA A 268 5.85 -23.86 -22.22
C ALA A 268 5.64 -22.39 -21.66
N ILE A 269 6.65 -21.53 -21.91
CA ILE A 269 6.60 -20.07 -21.68
C ILE A 269 6.45 -19.40 -23.02
N GLU A 270 5.49 -18.48 -23.13
CA GLU A 270 5.34 -17.60 -24.29
C GLU A 270 5.64 -16.09 -23.94
N ILE A 271 6.51 -15.43 -24.71
CA ILE A 271 6.83 -14.02 -24.45
C ILE A 271 5.77 -13.17 -25.14
N ILE A 272 4.94 -12.50 -24.38
CA ILE A 272 3.96 -11.57 -25.00
C ILE A 272 4.46 -10.10 -25.22
N GLY A 273 5.54 -9.68 -24.52
CA GLY A 273 6.08 -8.36 -24.67
C GLY A 273 5.61 -7.51 -23.48
N THR A 274 6.29 -6.40 -23.24
CA THR A 274 5.88 -5.41 -22.19
C THR A 274 4.48 -4.82 -22.51
N ARG A 275 3.59 -4.74 -21.51
CA ARG A 275 2.23 -4.24 -21.74
C ARG A 275 2.26 -2.70 -21.54
N HIS A 276 1.23 -2.00 -21.98
CA HIS A 276 1.21 -0.58 -21.80
C HIS A 276 1.18 -0.31 -20.35
N GLY A 277 1.71 0.85 -19.96
CA GLY A 277 1.60 1.24 -18.52
C GLY A 277 2.54 0.56 -17.57
N GLU A 278 3.55 -0.20 -18.09
CA GLU A 278 4.50 -0.91 -17.25
C GLU A 278 5.90 -0.47 -17.38
N LYS A 279 6.61 -0.44 -16.24
CA LYS A 279 8.04 -0.20 -16.26
C LYS A 279 8.81 -1.53 -16.20
N LYS A 280 10.09 -1.48 -16.56
CA LYS A 280 11.03 -2.65 -16.51
C LYS A 280 11.31 -2.96 -15.04
N ALA A 281 11.41 -1.91 -14.21
CA ALA A 281 11.68 -2.16 -12.79
C ALA A 281 10.90 -1.07 -12.02
N GLU A 282 10.60 -1.32 -10.76
CA GLU A 282 9.84 -0.38 -10.01
C GLU A 282 10.75 0.30 -9.01
N THR A 283 10.40 1.53 -8.64
CA THR A 283 11.29 2.32 -7.74
C THR A 283 10.51 2.48 -6.45
N LEU A 284 11.19 2.29 -5.33
CA LEU A 284 10.54 2.52 -3.98
C LEU A 284 11.00 3.81 -3.38
N LEU A 285 12.20 4.27 -3.75
CA LEU A 285 12.62 5.60 -3.31
C LEU A 285 13.28 6.24 -4.50
N THR A 286 12.87 7.44 -4.82
CA THR A 286 13.57 8.18 -5.84
C THR A 286 15.00 8.61 -5.34
N ARG A 287 15.81 9.10 -6.27
CA ARG A 287 17.20 9.57 -5.89
C ARG A 287 17.08 10.53 -4.70
N GLU A 288 16.23 11.53 -4.83
CA GLU A 288 16.07 12.53 -3.78
C GLU A 288 15.59 11.96 -2.43
N GLU A 289 14.54 11.13 -2.45
CA GLU A 289 14.03 10.43 -1.25
C GLU A 289 15.14 9.58 -0.57
N TYR A 290 15.91 8.88 -1.38
CA TYR A 290 16.97 8.03 -0.78
C TYR A 290 18.00 8.92 -0.03
N ALA A 291 18.38 10.02 -0.68
CA ALA A 291 19.32 10.99 -0.13
C ALA A 291 18.82 11.55 1.23
N GLN A 292 17.54 11.80 1.31
CA GLN A 292 16.97 12.34 2.50
C GLN A 292 16.49 11.33 3.57
N CYS A 293 16.42 10.05 3.24
CA CYS A 293 15.75 9.06 4.13
C CYS A 293 16.59 8.64 5.35
N GLU A 294 15.94 8.13 6.41
CA GLU A 294 16.65 7.50 7.51
C GLU A 294 16.37 6.05 7.43
N ASP A 295 17.39 5.25 7.69
CA ASP A 295 17.30 3.81 7.65
C ASP A 295 16.83 3.37 9.02
N MET A 296 15.65 2.76 9.07
CA MET A 296 15.09 2.31 10.33
C MET A 296 15.41 0.85 10.46
N GLY A 297 16.09 0.32 9.49
CA GLY A 297 16.37 -1.11 9.64
C GLY A 297 15.74 -2.00 8.58
N ASP A 298 14.54 -2.51 8.83
CA ASP A 298 13.84 -3.18 7.76
C ASP A 298 13.00 -2.13 6.93
N TYR A 299 13.05 -0.87 7.32
CA TYR A 299 12.23 0.20 6.67
C TYR A 299 13.15 1.35 6.34
N PHE A 300 12.78 2.13 5.36
CA PHE A 300 13.26 3.51 5.29
C PHE A 300 12.16 4.51 5.67
N ARG A 301 12.48 5.55 6.41
CA ARG A 301 11.58 6.70 6.63
C ARG A 301 12.00 7.89 5.76
N VAL A 302 11.12 8.39 4.90
CA VAL A 302 11.43 9.60 4.09
C VAL A 302 10.74 10.80 4.80
N PRO A 303 11.50 11.60 5.55
CA PRO A 303 10.83 12.73 6.22
C PRO A 303 10.44 13.80 5.18
N ALA A 304 9.41 14.57 5.53
CA ALA A 304 8.96 15.72 4.66
C ALA A 304 10.07 16.78 4.69
N ASP A 305 10.40 17.33 3.54
CA ASP A 305 11.41 18.40 3.48
C ASP A 305 10.72 19.74 3.59
N SER A 306 11.50 20.76 3.98
CA SER A 306 11.09 22.16 3.87
C SER A 306 9.78 22.39 4.62
N ARG A 307 9.72 21.87 5.83
CA ARG A 307 8.52 21.95 6.67
C ARG A 307 8.09 23.35 6.99
N ASP A 308 8.97 24.33 6.87
CA ASP A 308 8.52 25.72 7.08
C ASP A 308 8.21 26.43 5.74
N LEU A 309 7.94 25.66 4.67
CA LEU A 309 7.66 26.35 3.35
C LEU A 309 8.90 27.11 2.86
N ASN A 310 10.01 26.40 2.98
CA ASN A 310 11.34 26.91 2.68
C ASN A 310 11.56 26.88 1.19
N TYR A 311 11.01 27.83 0.46
CA TYR A 311 11.28 27.95 -0.97
C TYR A 311 12.76 27.82 -1.38
N SER A 312 13.61 28.34 -0.52
CA SER A 312 15.00 28.49 -0.91
C SER A 312 15.62 27.10 -1.11
N ASN A 313 15.08 26.07 -0.45
CA ASN A 313 15.53 24.66 -0.76
C ASN A 313 15.32 24.20 -2.19
N TYR A 314 14.44 24.86 -2.93
CA TYR A 314 14.10 24.46 -4.31
C TYR A 314 14.82 25.39 -5.29
N VAL A 315 15.36 26.52 -4.77
CA VAL A 315 15.73 27.67 -5.62
C VAL A 315 17.22 28.03 -5.41
N GLU A 316 17.64 28.25 -4.20
CA GLU A 316 18.97 28.83 -4.04
C GLU A 316 19.95 28.02 -3.22
N THR A 317 19.46 26.97 -2.54
CA THR A 317 20.37 26.10 -1.80
C THR A 317 20.22 24.65 -2.29
N GLY A 318 21.33 23.95 -2.28
CA GLY A 318 21.31 22.63 -2.82
C GLY A 318 21.77 21.65 -1.81
N ASN A 319 21.75 20.38 -2.19
CA ASN A 319 22.26 19.35 -1.32
C ASN A 319 23.14 18.38 -2.09
N GLU A 320 24.43 18.40 -1.84
CA GLU A 320 25.33 17.48 -2.50
C GLU A 320 25.10 15.97 -2.23
N LYS A 321 24.43 15.63 -1.11
CA LYS A 321 24.06 14.25 -0.82
C LYS A 321 23.08 13.77 -1.90
N ILE A 322 22.21 14.67 -2.43
CA ILE A 322 21.24 14.28 -3.50
C ILE A 322 22.05 13.89 -4.74
N THR A 323 23.01 14.77 -5.12
CA THR A 323 23.84 14.53 -6.33
C THR A 323 24.52 13.17 -6.17
N GLN A 324 24.92 12.86 -4.96
CA GLN A 324 25.67 11.63 -4.73
C GLN A 324 24.84 10.38 -4.62
N SER A 325 23.52 10.51 -4.57
CA SER A 325 22.71 9.32 -4.30
C SER A 325 22.16 8.74 -5.63
N TYR A 326 21.49 7.61 -5.52
CA TYR A 326 20.73 7.05 -6.63
C TYR A 326 19.44 6.41 -6.08
N GLU A 327 18.48 6.12 -6.95
CA GLU A 327 17.20 5.58 -6.54
C GLU A 327 17.28 4.13 -6.06
N TYR A 328 16.38 3.77 -5.16
CA TYR A 328 16.24 2.40 -4.62
C TYR A 328 15.18 1.67 -5.44
N ASN A 329 15.60 0.65 -6.22
CA ASN A 329 14.67 0.04 -7.13
C ASN A 329 14.78 -1.49 -7.19
N SER A 330 13.88 -2.12 -7.96
CA SER A 330 13.79 -3.60 -7.91
C SER A 330 14.94 -4.29 -8.68
N ASP A 331 15.78 -3.50 -9.33
CA ASP A 331 16.99 -4.01 -9.94
C ASP A 331 18.17 -3.97 -8.96
N ASN A 332 18.19 -3.00 -8.06
CA ASN A 332 19.33 -2.86 -7.21
C ASN A 332 19.16 -3.36 -5.78
N THR A 333 17.97 -3.81 -5.38
CA THR A 333 17.80 -4.54 -4.10
C THR A 333 18.38 -5.96 -4.35
N HIS A 334 18.20 -6.88 -3.42
CA HIS A 334 18.52 -8.30 -3.66
C HIS A 334 17.51 -8.94 -4.58
N ILE A 335 17.96 -9.30 -5.75
CA ILE A 335 17.10 -10.05 -6.65
C ILE A 335 17.13 -11.55 -6.26
N LEU A 336 16.00 -12.15 -5.85
CA LEU A 336 16.04 -13.54 -5.35
C LEU A 336 16.35 -14.56 -6.42
N THR A 337 16.92 -15.68 -5.97
CA THR A 337 17.22 -16.84 -6.84
C THR A 337 15.94 -17.62 -6.91
N VAL A 338 15.92 -18.61 -7.83
CA VAL A 338 14.73 -19.39 -8.06
C VAL A 338 14.39 -20.12 -6.76
N GLU A 339 15.43 -20.54 -6.06
CA GLU A 339 15.28 -21.25 -4.81
C GLU A 339 14.64 -20.36 -3.76
N GLU A 340 15.19 -19.17 -3.63
CA GLU A 340 14.61 -18.16 -2.71
C GLU A 340 13.14 -17.84 -3.07
N ILE A 341 12.85 -17.75 -4.37
CA ILE A 341 11.49 -17.38 -4.77
C ILE A 341 10.57 -18.49 -4.30
N LYS A 342 11.01 -19.74 -4.54
CA LYS A 342 10.25 -20.91 -4.07
C LYS A 342 9.97 -20.91 -2.56
N GLU A 343 10.99 -20.70 -1.74
CA GLU A 343 10.79 -20.67 -0.30
C GLU A 343 9.76 -19.56 0.05
N LYS A 344 9.87 -18.41 -0.60
CA LYS A 344 8.99 -17.30 -0.23
C LYS A 344 7.58 -17.64 -0.71
N LEU A 345 7.49 -18.27 -1.88
CA LEU A 345 6.19 -18.71 -2.43
C LEU A 345 5.45 -19.67 -1.48
N LEU A 346 6.24 -20.57 -0.86
CA LEU A 346 5.69 -21.59 0.02
C LEU A 346 5.17 -21.07 1.38
N THR A 347 5.53 -19.84 1.76
CA THR A 347 4.96 -19.24 2.98
C THR A 347 3.48 -18.82 2.76
N LEU A 348 3.00 -18.86 1.52
CA LEU A 348 1.62 -18.50 1.22
C LEU A 348 0.68 -19.67 1.23
N GLU A 349 -0.34 -19.58 2.04
CA GLU A 349 -1.37 -20.62 2.13
C GLU A 349 -2.20 -20.74 0.86
N TYR A 350 -2.30 -19.67 0.08
CA TYR A 350 -2.86 -19.76 -1.24
C TYR A 350 -2.08 -20.74 -2.16
N VAL A 351 -0.74 -20.62 -2.17
CA VAL A 351 0.15 -21.49 -2.98
C VAL A 351 0.08 -22.94 -2.45
N ARG A 352 0.28 -23.11 -1.15
CA ARG A 352 0.12 -24.43 -0.51
C ARG A 352 -1.18 -25.19 -0.91
N ASN A 353 -2.33 -24.57 -0.72
CA ASN A 353 -3.62 -25.21 -1.05
C ASN A 353 -3.72 -25.62 -2.49
N GLU A 354 -3.32 -24.71 -3.39
CA GLU A 354 -3.29 -24.97 -4.81
C GLU A 354 -2.32 -26.10 -5.14
N LEU A 355 -1.24 -26.15 -4.38
CA LEU A 355 -0.20 -27.14 -4.58
C LEU A 355 -0.69 -28.52 -4.17
N ASN A 356 -1.12 -28.66 -2.91
CA ASN A 356 -1.71 -29.89 -2.42
C ASN A 356 -2.80 -30.40 -3.40
N ASP A 357 -3.78 -29.53 -3.67
CA ASP A 357 -4.87 -29.74 -4.65
C ASP A 357 -4.48 -30.11 -6.06
N TYR A 358 -3.23 -29.89 -6.43
CA TYR A 358 -2.80 -30.20 -7.78
C TYR A 358 -2.36 -31.67 -7.84
PA NAP B . -8.55 -2.85 -2.88
O1A NAP B . -8.72 -4.23 -2.23
O2A NAP B . -9.05 -2.41 -4.25
O5B NAP B . -9.28 -1.93 -1.77
C5B NAP B . -9.43 -0.50 -1.86
C4B NAP B . -10.91 -0.26 -1.50
O4B NAP B . -11.19 1.08 -1.91
C3B NAP B . -11.93 -1.04 -2.33
O3B NAP B . -12.28 -2.31 -1.73
C2B NAP B . -13.16 -0.07 -2.37
O2B NAP B . -14.22 -0.68 -1.63
C1B NAP B . -12.60 1.23 -1.73
N9A NAP B . -12.97 2.52 -2.41
C8A NAP B . -12.72 2.81 -3.71
N7A NAP B . -13.19 4.07 -4.03
C5A NAP B . -13.68 4.56 -2.87
C6A NAP B . -14.35 5.77 -2.49
N6A NAP B . -14.49 6.67 -3.54
N1A NAP B . -14.78 5.93 -1.15
C2A NAP B . -14.63 4.99 -0.18
N3A NAP B . -14.05 3.77 -0.45
C4A NAP B . -13.60 3.52 -1.78
O3 NAP B . -7.06 -2.31 -2.63
PN NAP B . -6.05 -2.97 -1.58
O1N NAP B . -5.29 -3.99 -2.42
O2N NAP B . -6.75 -3.25 -0.26
O5D NAP B . -5.08 -1.72 -1.43
C5D NAP B . -5.65 -0.62 -0.68
C4D NAP B . -4.71 0.58 -0.84
O4D NAP B . -3.31 0.13 -0.90
C3D NAP B . -5.01 1.34 -2.12
O3D NAP B . -4.79 2.73 -1.83
C2D NAP B . -3.91 0.88 -3.08
O2D NAP B . -3.55 2.04 -3.77
C1D NAP B . -2.72 0.49 -2.18
N1N NAP B . -1.82 -0.56 -2.76
C2N NAP B . -2.27 -1.79 -3.10
C3N NAP B . -1.41 -2.74 -3.67
C7N NAP B . -1.94 -4.09 -4.01
O7N NAP B . -2.57 -4.66 -3.15
N7N NAP B . -1.74 -4.63 -5.20
C4N NAP B . -0.07 -2.42 -3.88
C5N NAP B . 0.37 -1.16 -3.53
C6N NAP B . -0.53 -0.26 -2.96
P2B NAP B . -15.83 -0.44 -2.00
O1X NAP B . -16.02 1.13 -1.96
O2X NAP B . -16.01 -1.02 -3.41
O3X NAP B . -16.45 -1.26 -0.83
N1 UD7 C . 3.23 -10.39 -15.87
C2 UD7 C . 3.60 -11.38 -16.87
O2 UD7 C . 4.80 -11.65 -17.13
N3 UD7 C . 2.59 -11.99 -17.49
C4 UD7 C . 1.28 -11.78 -17.24
O4 UD7 C . 0.40 -12.41 -17.89
C5 UD7 C . 0.86 -10.84 -16.25
C6 UD7 C . 1.92 -10.16 -15.60
PA UD7 C . 1.06 -8.14 -12.10
PB UD7 C . 1.51 -5.22 -11.85
C1' UD7 C . -1.11 -5.26 -11.26
O1' UD7 C . 0.11 -4.48 -11.42
O1A UD7 C . 0.86 -9.12 -10.97
C1B UD7 C . 4.32 -9.68 -15.22
O1B UD7 C . 1.56 -5.16 -13.35
C2' UD7 C . -2.24 -4.45 -11.89
O2' UD7 C . 4.66 -7.49 -16.46
O2A UD7 C . 0.00 -8.12 -13.22
C2B UD7 C . 4.17 -8.16 -15.26
O2B UD7 C . 2.62 -4.68 -11.04
C3' UD7 C . -2.41 -3.10 -11.15
O3' UD7 C . -3.64 -2.62 -11.69
O3A UD7 C . 1.17 -6.72 -11.27
C3B UD7 C . 4.98 -7.77 -13.99
O3B UD7 C . 6.39 -7.78 -14.27
C4' UD7 C . -2.29 -3.27 -9.64
O4' UD7 C . -2.48 -2.28 -8.93
C4B UD7 C . 4.77 -8.93 -13.04
O4B UD7 C . 4.36 -10.06 -13.84
C5' UD7 C . -1.85 -4.62 -8.96
O5' UD7 C . -1.39 -5.62 -9.89
C5B UD7 C . 3.56 -8.82 -12.09
O5B UD7 C . 2.49 -8.12 -12.81
C6' UD7 C . -2.89 -5.34 -8.07
C7' UD7 C . -3.02 -4.39 -14.16
O7' UD7 C . -4.17 -4.52 -13.74
C8' UD7 C . -2.74 -4.33 -15.62
N2' UD7 C . -1.99 -4.26 -13.33
N1 UD7 D . 21.13 2.23 -2.24
C2 UD7 D . 20.30 3.14 -3.00
O2 UD7 D . 19.16 2.75 -3.38
N3 UD7 D . 20.74 4.35 -3.29
C4 UD7 D . 21.94 4.81 -2.91
O4 UD7 D . 22.22 5.98 -3.22
C5 UD7 D . 22.81 3.96 -2.19
C6 UD7 D . 22.36 2.66 -1.85
PA UD7 D . 25.27 0.49 -0.43
PB UD7 D . 25.95 -1.51 1.58
C1' UD7 D . 26.45 -0.13 3.85
O1' UD7 D . 25.96 -0.20 2.51
O1A UD7 D . 26.17 1.26 -1.38
C1B UD7 D . 20.53 0.89 -2.05
O1B UD7 D . 27.28 -2.20 1.79
C2' UD7 D . 25.23 -0.12 4.79
O2' UD7 D . 19.59 -0.87 -3.45
O2A UD7 D . 24.64 1.23 0.74
C2B UD7 D . 20.66 0.08 -3.37
O2B UD7 D . 24.62 -2.24 1.82
C3' UD7 D . 24.37 1.09 4.40
O3' UD7 D . 23.38 1.25 5.42
O3A UD7 D . 26.02 -0.86 0.09
C3B UD7 D . 21.94 -0.71 -3.14
O3B UD7 D . 22.15 -1.82 -4.04
C4' UD7 D . 25.26 2.33 4.18
O4' UD7 D . 25.00 3.40 4.71
C4B UD7 D . 21.85 -1.04 -1.64
O4B UD7 D . 21.12 0.07 -1.02
C5' UD7 D . 26.51 2.19 3.31
O5' UD7 D . 27.25 1.09 3.87
C5B UD7 D . 23.23 -1.23 -0.96
O5B UD7 D . 24.13 -0.18 -1.36
C6' UD7 D . 27.41 3.44 3.14
C7' UD7 D . 23.47 -1.86 5.53
O7' UD7 D . 23.50 -1.94 6.77
C8' UD7 D . 22.25 -2.29 4.74
N2' UD7 D . 24.50 -1.42 4.79
C FMT E . -19.94 9.24 16.11
O1 FMT E . -21.05 8.79 15.89
O2 FMT E . -19.11 8.59 16.94
C FMT F . -14.91 17.14 -3.30
O1 FMT F . -14.91 15.91 -3.61
O2 FMT F . -14.86 18.16 -4.25
C FMT G . -0.86 5.13 -22.01
O1 FMT G . -0.17 4.36 -21.39
O2 FMT G . -0.56 5.92 -23.07
C FMT H . 12.65 30.13 1.82
O1 FMT H . 13.31 29.49 2.65
O2 FMT H . 12.93 31.38 1.36
C FMT I . 16.75 11.38 -10.97
O1 FMT I . 17.58 12.25 -11.33
O2 FMT I . 15.87 11.62 -9.97
C FMT J . 12.87 1.55 -14.98
O1 FMT J . 12.57 0.35 -15.10
O2 FMT J . 12.40 2.29 -13.92
C FMT K . 9.57 -7.68 1.61
O1 FMT K . 8.98 -8.78 1.63
O2 FMT K . 9.59 -6.78 2.63
C FMT L . -12.09 10.71 -17.53
O1 FMT L . -11.00 11.29 -17.78
O2 FMT L . -12.40 10.29 -16.27
C FMT M . -14.25 19.53 0.43
O1 FMT M . -13.62 19.09 1.42
O2 FMT M . -14.93 18.70 -0.42
C FMT N . -15.75 17.47 9.29
O1 FMT N . -15.66 16.25 9.30
O2 FMT N . -15.31 18.11 8.22
C FMT O . 10.17 14.52 10.38
O1 FMT O . 10.12 14.55 11.61
O2 FMT O . 10.04 15.61 9.58
C FMT P . 5.64 23.79 9.43
O1 FMT P . 5.69 22.64 9.87
O2 FMT P . 4.57 24.57 9.55
C FMT Q . 21.36 -5.76 -7.70
O1 FMT Q . 21.95 -5.27 -6.74
O2 FMT Q . 20.49 -6.71 -7.49
C FMT R . -21.61 6.22 -4.64
O1 FMT R . -21.66 5.45 -3.61
O2 FMT R . -20.66 7.22 -4.66
NA NA S . 3.45 20.28 10.91
#